data_2V4C
#
_entry.id   2V4C
#
_cell.length_a   47.399
_cell.length_b   74.502
_cell.length_c   86.402
_cell.angle_alpha   90.00
_cell.angle_beta   90.00
_cell.angle_gamma   90.00
#
_symmetry.space_group_name_H-M   'P 21 21 21'
#
loop_
_entity.id
_entity.type
_entity.pdbx_description
1 polymer 'SIALIC ACID-BINDING PERIPLASMIC PROTEIN SIAP'
2 non-polymer 'deamino-beta-neuraminic acid'
3 water water
#
_entity_poly.entity_id   1
_entity_poly.type   'polypeptide(L)'
_entity_poly.pdbx_seq_one_letter_code
;ADYDLKFGMNAGTSSNEYKAAEMFAKEVKEKSQGKIEISLYPSSQLGDDRAMLKQLKDGSLDFTFAESARFQLFYPEAAV
FALPYVISNYNVAQKALFDTEFGKDLIKKMDKDLGVTLLSQAYNGTRQTTSNRAINSIADMKGLKLRVPNAATNLAYAKY
VGASPTPMAFSEVYLALQTNAVDGQENPLAAVQAQKFYEVQKFLAMTNHILNDQLYLVSNETYKELPEDLQKVVKDAAEN
AAKYHTKLFVDGEKDLVTFFEKQGVKITHPDLVPFKESMKPYYAEFVKQTGQKGESALKQIEAINPHHH
;
_entity_poly.pdbx_strand_id   A
#
loop_
_chem_comp.id
_chem_comp.type
_chem_comp.name
_chem_comp.formula
KDN D-saccharide, beta linking 'deamino-beta-neuraminic acid' 'C9 H16 O9'
#
# COMPACT_ATOMS: atom_id res chain seq x y z
N ALA A 1 -21.00 8.27 -19.77
CA ALA A 1 -20.33 8.92 -20.95
C ALA A 1 -20.37 10.44 -21.17
N ASP A 2 -21.23 11.18 -20.46
CA ASP A 2 -20.92 12.60 -20.27
C ASP A 2 -19.54 12.72 -19.64
N TYR A 3 -19.23 11.82 -18.71
CA TYR A 3 -17.93 11.83 -18.08
C TYR A 3 -17.32 10.44 -18.25
N ASP A 4 -16.42 10.30 -19.22
CA ASP A 4 -15.71 9.04 -19.45
C ASP A 4 -14.46 9.07 -18.55
N LEU A 5 -14.51 8.43 -17.40
CA LEU A 5 -13.38 8.66 -16.47
C LEU A 5 -12.57 7.39 -16.37
N LYS A 6 -11.35 7.55 -15.88
CA LYS A 6 -10.39 6.43 -15.89
C LYS A 6 -9.83 6.25 -14.51
N PHE A 7 -9.67 5.00 -14.07
CA PHE A 7 -9.14 4.67 -12.76
C PHE A 7 -7.95 3.72 -13.02
N GLY A 8 -6.72 4.20 -12.78
CA GLY A 8 -5.52 3.34 -12.93
C GLY A 8 -5.05 2.72 -11.60
N MET A 9 -4.41 1.57 -11.72
CA MET A 9 -3.89 0.87 -10.56
C MET A 9 -2.78 -0.13 -10.96
N ASN A 10 -1.93 -0.46 -9.98
CA ASN A 10 -0.86 -1.41 -10.22
C ASN A 10 -1.43 -2.81 -10.10
N ALA A 11 -2.41 -2.99 -9.23
CA ALA A 11 -2.98 -4.33 -9.02
C ALA A 11 -3.65 -4.89 -10.29
N GLY A 12 -3.74 -6.21 -10.34
CA GLY A 12 -4.22 -6.87 -11.54
C GLY A 12 -5.68 -7.26 -11.43
N THR A 13 -6.20 -7.90 -12.47
CA THR A 13 -7.61 -8.19 -12.52
C THR A 13 -8.06 -9.29 -11.56
N SER A 14 -7.13 -10.03 -10.95
CA SER A 14 -7.49 -11.02 -9.93
C SER A 14 -7.41 -10.50 -8.49
N SER A 15 -7.16 -9.20 -8.31
CA SER A 15 -6.86 -8.66 -7.00
C SER A 15 -8.11 -8.10 -6.29
N ASN A 16 -7.99 -7.97 -4.96
CA ASN A 16 -9.03 -7.32 -4.15
C ASN A 16 -9.21 -5.87 -4.56
N GLU A 17 -8.10 -5.17 -4.82
CA GLU A 17 -8.17 -3.79 -5.25
C GLU A 17 -9.08 -3.65 -6.45
N TYR A 18 -8.87 -4.54 -7.43
CA TYR A 18 -9.63 -4.46 -8.67
C TYR A 18 -11.11 -4.77 -8.41
N LYS A 19 -11.36 -5.77 -7.57
CA LYS A 19 -12.74 -6.10 -7.19
C LYS A 19 -13.47 -4.95 -6.55
N ALA A 20 -12.78 -4.23 -5.66
CA ALA A 20 -13.41 -3.11 -4.97
C ALA A 20 -13.53 -1.92 -5.96
N ALA A 21 -12.57 -1.76 -6.85
CA ALA A 21 -12.67 -0.68 -7.86
C ALA A 21 -13.86 -0.97 -8.80
N GLU A 22 -14.11 -2.25 -9.10
CA GLU A 22 -15.27 -2.59 -9.91
C GLU A 22 -16.55 -2.21 -9.20
N MET A 23 -16.64 -2.48 -7.91
CA MET A 23 -17.81 -2.11 -7.14
C MET A 23 -18.00 -0.60 -7.20
N PHE A 24 -16.92 0.14 -6.96
CA PHE A 24 -16.96 1.62 -7.04
C PHE A 24 -17.50 2.11 -8.40
N ALA A 25 -16.91 1.59 -9.47
CA ALA A 25 -17.35 1.93 -10.82
C ALA A 25 -18.83 1.62 -11.06
N LYS A 26 -19.28 0.46 -10.60
CA LYS A 26 -20.66 0.06 -10.82
C LYS A 26 -21.63 0.99 -10.07
N GLU A 27 -21.31 1.29 -8.80
CA GLU A 27 -22.13 2.23 -8.03
C GLU A 27 -22.17 3.64 -8.65
N VAL A 28 -21.03 4.14 -9.10
CA VAL A 28 -21.01 5.48 -9.65
C VAL A 28 -21.87 5.55 -10.92
N LYS A 29 -21.75 4.54 -11.77
CA LYS A 29 -22.51 4.50 -13.02
C LYS A 29 -24.00 4.45 -12.70
N GLU A 30 -24.38 3.57 -11.77
CA GLU A 30 -25.82 3.44 -11.41
C GLU A 30 -26.35 4.73 -10.82
N LYS A 31 -25.66 5.24 -9.81
CA LYS A 31 -26.21 6.37 -9.06
C LYS A 31 -26.08 7.71 -9.73
N SER A 32 -25.21 7.82 -10.74
CA SER A 32 -25.14 9.02 -11.58
C SER A 32 -26.13 8.90 -12.76
N GLN A 33 -26.95 7.86 -12.75
CA GLN A 33 -27.85 7.58 -13.87
C GLN A 33 -27.10 7.57 -15.16
N GLY A 34 -25.91 6.99 -15.19
CA GLY A 34 -25.25 6.81 -16.48
C GLY A 34 -24.44 8.01 -16.93
N LYS A 35 -24.48 9.11 -16.17
CA LYS A 35 -23.66 10.26 -16.55
C LYS A 35 -22.16 10.04 -16.42
N ILE A 36 -21.76 9.16 -15.50
CA ILE A 36 -20.36 8.89 -15.31
C ILE A 36 -20.11 7.43 -15.55
N GLU A 37 -19.13 7.11 -16.38
CA GLU A 37 -18.65 5.72 -16.50
C GLU A 37 -17.18 5.69 -16.18
N ILE A 38 -16.77 4.81 -15.26
CA ILE A 38 -15.38 4.70 -14.89
C ILE A 38 -14.79 3.41 -15.44
N SER A 39 -13.78 3.54 -16.31
CA SER A 39 -13.04 2.40 -16.89
C SER A 39 -11.78 2.15 -16.07
N LEU A 40 -11.45 0.87 -15.89
CA LEU A 40 -10.32 0.46 -15.07
C LEU A 40 -9.08 0.13 -15.92
N TYR A 41 -7.91 0.57 -15.45
CA TYR A 41 -6.68 0.36 -16.15
C TYR A 41 -5.72 -0.30 -15.17
N PRO A 42 -5.78 -1.63 -15.06
CA PRO A 42 -5.00 -2.37 -14.08
C PRO A 42 -3.57 -2.70 -14.54
N SER A 43 -2.83 -3.38 -13.65
CA SER A 43 -1.54 -3.96 -14.01
C SER A 43 -0.51 -2.92 -14.50
N SER A 44 -0.62 -1.70 -13.99
CA SER A 44 0.35 -0.67 -14.28
C SER A 44 0.34 -0.28 -15.76
N GLN A 45 -0.77 -0.54 -16.46
CA GLN A 45 -0.83 -0.18 -17.87
C GLN A 45 -0.44 1.27 -18.11
N LEU A 46 -0.77 2.14 -17.15
CA LEU A 46 -0.53 3.60 -17.30
C LEU A 46 0.79 4.04 -16.68
N GLY A 47 1.59 3.08 -16.24
CA GLY A 47 2.75 3.40 -15.43
C GLY A 47 2.60 2.91 -14.00
N ASP A 48 3.57 3.22 -13.14
CA ASP A 48 3.47 2.77 -11.76
C ASP A 48 2.67 3.76 -10.94
N ASP A 49 2.64 3.55 -9.63
CA ASP A 49 1.81 4.45 -8.80
C ASP A 49 2.40 5.85 -8.74
N ARG A 50 3.74 5.98 -8.78
CA ARG A 50 4.36 7.32 -8.85
C ARG A 50 3.88 8.06 -10.12
N ALA A 51 3.92 7.34 -11.23
CA ALA A 51 3.45 7.90 -12.51
C ALA A 51 1.97 8.29 -12.45
N MET A 52 1.16 7.41 -11.88
CA MET A 52 -0.28 7.65 -11.87
C MET A 52 -0.65 8.81 -10.97
N LEU A 53 0.10 8.97 -9.89
CA LEU A 53 -0.08 10.15 -9.06
C LEU A 53 0.22 11.43 -9.81
N LYS A 54 1.26 11.40 -10.66
CA LYS A 54 1.59 12.56 -11.49
C LYS A 54 0.47 12.86 -12.46
N GLN A 55 -0.13 11.81 -13.00
CA GLN A 55 -1.25 11.97 -13.92
C GLN A 55 -2.49 12.51 -13.24
N LEU A 56 -2.75 12.10 -12.00
CA LEU A 56 -3.85 12.75 -11.28
C LEU A 56 -3.57 14.24 -11.07
N LYS A 57 -2.36 14.58 -10.68
CA LYS A 57 -2.00 15.98 -10.47
C LYS A 57 -2.22 16.77 -11.74
N ASP A 58 -1.75 16.22 -12.84
CA ASP A 58 -1.87 16.89 -14.12
CA ASP A 58 -1.86 16.82 -14.18
C ASP A 58 -3.30 16.91 -14.66
N GLY A 59 -4.15 16.04 -14.13
CA GLY A 59 -5.55 15.92 -14.64
C GLY A 59 -5.76 14.94 -15.79
N SER A 60 -4.73 14.18 -16.15
CA SER A 60 -4.84 13.25 -17.29
C SER A 60 -5.29 11.82 -16.88
N LEU A 61 -5.38 11.59 -15.56
CA LEU A 61 -5.99 10.38 -15.02
C LEU A 61 -6.96 10.83 -13.93
N ASP A 62 -8.13 10.19 -13.83
CA ASP A 62 -9.15 10.70 -12.91
C ASP A 62 -9.07 10.12 -11.53
N PHE A 63 -8.84 8.80 -11.44
CA PHE A 63 -8.78 8.12 -10.16
C PHE A 63 -7.56 7.25 -10.08
N THR A 64 -7.05 7.06 -8.86
CA THR A 64 -6.03 6.03 -8.71
C THR A 64 -5.95 5.60 -7.25
N PHE A 65 -5.22 4.53 -7.02
CA PHE A 65 -4.89 4.11 -5.65
C PHE A 65 -3.51 4.55 -5.23
N ALA A 66 -3.35 4.92 -3.97
CA ALA A 66 -2.02 5.00 -3.38
C ALA A 66 -2.05 4.80 -1.88
N GLU A 67 -0.94 4.33 -1.33
CA GLU A 67 -0.82 4.30 0.14
C GLU A 67 -0.57 5.67 0.72
N SER A 68 -0.96 5.85 1.97
CA SER A 68 -0.60 7.06 2.73
C SER A 68 0.93 7.20 2.75
N ALA A 69 1.63 6.06 2.92
CA ALA A 69 3.08 6.08 2.98
C ALA A 69 3.71 6.62 1.68
N ARG A 70 3.02 6.48 0.56
CA ARG A 70 3.62 6.85 -0.73
C ARG A 70 3.82 8.36 -0.78
N PHE A 71 3.11 9.09 0.08
CA PHE A 71 3.27 10.55 0.15
C PHE A 71 4.59 11.03 0.79
N GLN A 72 5.39 10.08 1.23
CA GLN A 72 6.74 10.37 1.70
C GLN A 72 7.53 10.96 0.57
N LEU A 73 7.10 10.70 -0.67
CA LEU A 73 7.81 11.28 -1.81
C LEU A 73 7.76 12.80 -1.77
N PHE A 74 6.73 13.37 -1.16
CA PHE A 74 6.59 14.84 -1.13
C PHE A 74 6.82 15.40 0.26
N TYR A 75 6.50 14.59 1.26
CA TYR A 75 6.59 15.05 2.64
C TYR A 75 7.28 13.94 3.41
N PRO A 76 8.57 14.12 3.70
CA PRO A 76 9.38 13.01 4.16
C PRO A 76 8.81 12.41 5.43
N GLU A 77 8.18 13.22 6.27
CA GLU A 77 7.74 12.65 7.54
C GLU A 77 6.62 11.62 7.33
N ALA A 78 6.02 11.61 6.15
CA ALA A 78 4.92 10.66 5.89
C ALA A 78 5.45 9.22 5.76
N ALA A 79 6.77 9.05 5.79
CA ALA A 79 7.32 7.70 5.76
C ALA A 79 6.94 6.99 7.04
N VAL A 80 6.51 7.74 8.06
CA VAL A 80 6.14 7.10 9.31
CA VAL A 80 6.14 7.11 9.31
C VAL A 80 5.11 5.99 9.10
N PHE A 81 4.27 6.16 8.09
CA PHE A 81 3.23 5.16 7.78
C PHE A 81 3.81 3.82 7.37
N ALA A 82 5.06 3.79 6.91
CA ALA A 82 5.69 2.57 6.50
C ALA A 82 7.05 2.28 7.18
N LEU A 83 7.39 3.01 8.24
CA LEU A 83 8.53 2.56 9.02
C LEU A 83 8.23 1.16 9.59
N PRO A 84 9.08 0.18 9.30
CA PRO A 84 8.64 -1.15 9.72
C PRO A 84 8.35 -1.29 11.20
N TYR A 85 7.26 -1.99 11.51
CA TYR A 85 6.75 -2.24 12.85
C TYR A 85 6.25 -1.03 13.64
N VAL A 86 6.25 0.17 13.07
CA VAL A 86 5.77 1.31 13.83
C VAL A 86 4.22 1.28 13.90
N ILE A 87 3.55 1.23 12.75
CA ILE A 87 2.07 1.16 12.76
C ILE A 87 1.70 -0.27 13.13
N SER A 88 0.97 -0.44 14.23
CA SER A 88 0.68 -1.79 14.78
C SER A 88 -0.32 -2.52 13.95
N ASN A 89 -1.37 -1.83 13.50
CA ASN A 89 -2.51 -2.50 12.81
C ASN A 89 -3.33 -1.46 12.08
N TYR A 90 -4.36 -1.91 11.41
CA TYR A 90 -5.17 -0.99 10.62
C TYR A 90 -5.92 0.06 11.46
N ASN A 91 -6.36 -0.31 12.67
CA ASN A 91 -6.97 0.64 13.59
CA ASN A 91 -7.00 0.67 13.54
C ASN A 91 -6.06 1.85 13.73
N VAL A 92 -4.77 1.57 13.93
CA VAL A 92 -3.78 2.67 14.11
C VAL A 92 -3.64 3.44 12.79
N ALA A 93 -3.55 2.73 11.68
CA ALA A 93 -3.45 3.41 10.39
C ALA A 93 -4.58 4.36 10.13
N GLN A 94 -5.80 3.97 10.47
CA GLN A 94 -6.96 4.89 10.28
C GLN A 94 -6.86 6.12 11.14
N LYS A 95 -6.56 5.92 12.42
CA LYS A 95 -6.47 7.08 13.34
C LYS A 95 -5.25 7.96 12.99
N ALA A 96 -4.16 7.34 12.51
CA ALA A 96 -2.95 8.11 12.14
C ALA A 96 -3.31 9.07 11.04
N LEU A 97 -4.12 8.65 10.10
CA LEU A 97 -4.43 9.50 8.94
C LEU A 97 -5.50 10.54 9.24
N PHE A 98 -6.57 10.11 9.92
CA PHE A 98 -7.71 11.02 10.10
C PHE A 98 -7.81 11.70 11.44
N ASP A 99 -7.14 11.18 12.45
CA ASP A 99 -7.37 11.67 13.83
C ASP A 99 -6.09 12.16 14.46
N THR A 100 -5.11 12.58 13.66
CA THR A 100 -3.91 13.22 14.21
C THR A 100 -3.75 14.55 13.50
N GLU A 101 -3.01 15.46 14.11
CA GLU A 101 -2.81 16.72 13.46
C GLU A 101 -1.93 16.49 12.24
N PHE A 102 -0.93 15.64 12.41
CA PHE A 102 -0.07 15.27 11.29
C PHE A 102 -0.89 14.75 10.08
N GLY A 103 -1.79 13.81 10.33
CA GLY A 103 -2.57 13.22 9.22
C GLY A 103 -3.52 14.22 8.58
N LYS A 104 -4.24 14.97 9.41
CA LYS A 104 -5.14 15.98 8.90
C LYS A 104 -4.42 16.99 8.00
N ASP A 105 -3.23 17.39 8.40
CA ASP A 105 -2.45 18.35 7.63
C ASP A 105 -2.02 17.73 6.30
N LEU A 106 -1.71 16.43 6.33
CA LEU A 106 -1.24 15.72 5.14
C LEU A 106 -2.39 15.74 4.12
N ILE A 107 -3.60 15.42 4.59
CA ILE A 107 -4.78 15.39 3.72
C ILE A 107 -4.99 16.77 3.07
N LYS A 108 -4.87 17.84 3.87
CA LYS A 108 -5.04 19.19 3.33
C LYS A 108 -3.97 19.48 2.28
N LYS A 109 -2.74 19.11 2.54
CA LYS A 109 -1.67 19.41 1.59
C LYS A 109 -1.88 18.62 0.31
N MET A 110 -2.34 17.36 0.42
CA MET A 110 -2.63 16.58 -0.78
C MET A 110 -3.58 17.32 -1.71
N ASP A 111 -4.60 17.95 -1.15
CA ASP A 111 -5.60 18.65 -1.89
C ASP A 111 -5.01 19.96 -2.42
N LYS A 112 -4.51 20.77 -1.50
CA LYS A 112 -3.97 22.10 -1.86
C LYS A 112 -2.66 22.08 -2.65
N ASP A 113 -1.70 21.22 -2.29
CA ASP A 113 -0.41 21.22 -2.99
C ASP A 113 -0.38 20.24 -4.14
N LEU A 114 -1.02 19.10 -3.98
CA LEU A 114 -0.78 18.04 -4.95
C LEU A 114 -1.96 17.86 -5.97
N GLY A 115 -3.05 18.59 -5.75
CA GLY A 115 -4.23 18.54 -6.63
C GLY A 115 -4.98 17.21 -6.59
N VAL A 116 -4.91 16.53 -5.45
CA VAL A 116 -5.59 15.24 -5.29
CA VAL A 116 -5.61 15.27 -5.29
C VAL A 116 -6.53 15.29 -4.05
N THR A 117 -7.75 14.81 -4.21
CA THR A 117 -8.72 14.71 -3.13
C THR A 117 -8.81 13.27 -2.64
N LEU A 118 -8.65 13.13 -1.34
CA LEU A 118 -8.75 11.83 -0.65
CA LEU A 118 -8.74 11.81 -0.70
C LEU A 118 -10.23 11.47 -0.43
N LEU A 119 -10.73 10.45 -1.12
CA LEU A 119 -12.14 10.11 -1.00
C LEU A 119 -12.37 9.09 0.11
N SER A 120 -11.47 8.12 0.24
CA SER A 120 -11.66 7.10 1.28
CA SER A 120 -11.64 7.11 1.28
C SER A 120 -10.34 6.34 1.50
N GLN A 121 -10.30 5.61 2.60
CA GLN A 121 -9.14 4.81 2.98
C GLN A 121 -9.57 3.39 3.26
N ALA A 122 -8.84 2.41 2.72
CA ALA A 122 -9.13 1.02 3.00
C ALA A 122 -7.87 0.36 3.56
N TYR A 123 -8.03 -0.84 4.13
CA TYR A 123 -6.89 -1.68 4.45
C TYR A 123 -6.44 -2.51 3.25
N ASN A 124 -5.11 -2.62 3.06
CA ASN A 124 -4.57 -3.35 1.87
C ASN A 124 -3.66 -4.48 2.26
N GLY A 125 -3.78 -4.91 3.51
CA GLY A 125 -2.98 -6.07 3.95
C GLY A 125 -1.68 -5.74 4.66
N THR A 126 -1.15 -6.71 5.40
CA THR A 126 0.16 -6.58 6.05
C THR A 126 1.23 -7.37 5.28
N ARG A 127 2.36 -6.73 4.97
CA ARG A 127 3.35 -7.37 4.12
C ARG A 127 4.07 -8.49 4.88
N GLN A 128 4.30 -9.58 4.14
CA GLN A 128 5.05 -10.75 4.59
C GLN A 128 6.17 -10.98 3.59
N THR A 129 7.01 -11.98 3.82
CA THR A 129 8.19 -12.16 2.96
C THR A 129 8.20 -13.54 2.37
N THR A 130 8.18 -13.63 1.04
CA THR A 130 8.33 -14.93 0.36
CA THR A 130 8.32 -14.92 0.39
C THR A 130 9.76 -15.10 -0.11
N SER A 131 10.19 -16.37 -0.27
CA SER A 131 11.53 -16.61 -0.75
C SER A 131 11.70 -18.01 -1.34
N ASN A 132 12.86 -18.24 -1.94
CA ASN A 132 13.21 -19.54 -2.55
C ASN A 132 13.96 -20.44 -1.60
N ARG A 133 14.17 -19.94 -0.40
CA ARG A 133 14.73 -20.74 0.71
C ARG A 133 14.12 -20.30 2.04
N ALA A 134 14.06 -21.23 2.99
CA ALA A 134 13.42 -20.90 4.28
C ALA A 134 14.00 -19.70 5.01
N ILE A 135 13.12 -18.89 5.58
CA ILE A 135 13.51 -17.84 6.49
C ILE A 135 13.03 -18.29 7.88
N ASN A 136 13.91 -18.97 8.62
CA ASN A 136 13.56 -19.46 9.97
C ASN A 136 13.92 -18.48 11.06
N SER A 137 14.78 -17.54 10.73
CA SER A 137 15.18 -16.52 11.65
C SER A 137 15.74 -15.36 10.85
N ILE A 138 16.01 -14.26 11.54
CA ILE A 138 16.58 -13.09 10.85
C ILE A 138 17.94 -13.40 10.21
N ALA A 139 18.64 -14.42 10.72
CA ALA A 139 19.93 -14.79 10.12
C ALA A 139 19.77 -15.16 8.64
N ASP A 140 18.64 -15.79 8.31
CA ASP A 140 18.39 -16.21 6.94
C ASP A 140 18.23 -15.05 5.94
N MET A 141 18.01 -13.83 6.45
CA MET A 141 17.89 -12.67 5.55
C MET A 141 19.26 -12.28 5.00
N LYS A 142 20.33 -12.67 5.67
CA LYS A 142 21.66 -12.18 5.30
C LYS A 142 22.02 -12.60 3.88
N GLY A 143 22.30 -11.58 3.04
CA GLY A 143 22.53 -11.78 1.60
C GLY A 143 21.38 -12.25 0.72
N LEU A 144 20.18 -12.37 1.29
CA LEU A 144 19.00 -12.77 0.54
C LEU A 144 18.77 -11.65 -0.47
N LYS A 145 18.66 -12.00 -1.75
CA LYS A 145 18.44 -10.93 -2.74
C LYS A 145 16.94 -10.67 -2.75
N LEU A 146 16.51 -9.61 -2.06
CA LEU A 146 15.10 -9.43 -1.75
C LEU A 146 14.61 -8.31 -2.69
N ARG A 147 13.69 -8.64 -3.59
CA ARG A 147 13.10 -7.59 -4.40
C ARG A 147 12.29 -6.66 -3.46
N VAL A 148 12.35 -5.34 -3.73
CA VAL A 148 11.49 -4.37 -3.04
C VAL A 148 10.91 -3.41 -4.08
N PRO A 149 9.79 -2.77 -3.75
CA PRO A 149 9.33 -1.73 -4.68
C PRO A 149 10.27 -0.54 -4.62
N ASN A 150 10.07 0.40 -5.54
CA ASN A 150 10.85 1.61 -5.58
C ASN A 150 10.39 2.61 -4.50
N ALA A 151 10.68 2.30 -3.23
CA ALA A 151 10.18 3.07 -2.12
C ALA A 151 11.19 2.94 -1.00
N ALA A 152 11.52 4.09 -0.43
CA ALA A 152 12.63 4.18 0.54
C ALA A 152 12.42 3.32 1.80
N THR A 153 11.16 3.26 2.26
CA THR A 153 10.90 2.52 3.48
C THR A 153 11.06 1.00 3.26
N ASN A 154 10.67 0.49 2.08
CA ASN A 154 10.89 -0.96 1.82
C ASN A 154 12.38 -1.24 1.58
N LEU A 155 13.07 -0.32 0.91
CA LEU A 155 14.50 -0.47 0.71
CA LEU A 155 14.50 -0.47 0.71
C LEU A 155 15.18 -0.54 2.08
N ALA A 156 14.76 0.33 3.01
CA ALA A 156 15.30 0.30 4.38
C ALA A 156 15.01 -0.98 5.12
N TYR A 157 13.78 -1.48 4.98
CA TYR A 157 13.42 -2.71 5.65
C TYR A 157 14.48 -3.76 5.24
N ALA A 158 14.66 -3.91 3.94
CA ALA A 158 15.61 -4.89 3.40
C ALA A 158 17.05 -4.67 3.92
N LYS A 159 17.52 -3.43 3.84
CA LYS A 159 18.86 -3.07 4.33
CA LYS A 159 18.88 -3.14 4.30
C LYS A 159 19.05 -3.44 5.80
N TYR A 160 18.13 -2.99 6.64
CA TYR A 160 18.34 -3.13 8.06
C TYR A 160 18.19 -4.53 8.63
N VAL A 161 17.45 -5.39 7.96
CA VAL A 161 17.41 -6.80 8.41
C VAL A 161 18.56 -7.63 7.83
N GLY A 162 19.37 -7.03 6.99
CA GLY A 162 20.60 -7.67 6.47
C GLY A 162 20.51 -8.21 5.04
N ALA A 163 19.36 -7.99 4.37
CA ALA A 163 19.18 -8.51 3.01
C ALA A 163 19.85 -7.60 1.98
N SER A 164 19.89 -8.09 0.75
CA SER A 164 20.46 -7.31 -0.35
CA SER A 164 20.46 -7.33 -0.35
C SER A 164 19.33 -6.86 -1.26
N PRO A 165 18.91 -5.59 -1.13
CA PRO A 165 17.70 -5.20 -1.84
C PRO A 165 17.89 -4.96 -3.33
N THR A 166 16.91 -5.35 -4.13
CA THR A 166 16.88 -5.01 -5.54
C THR A 166 15.52 -4.36 -5.82
N PRO A 167 15.53 -3.04 -6.04
CA PRO A 167 14.24 -2.40 -6.38
C PRO A 167 13.82 -2.70 -7.80
N MET A 168 12.52 -2.96 -7.97
CA MET A 168 11.94 -3.09 -9.29
C MET A 168 10.45 -2.90 -9.23
N ALA A 169 9.89 -2.52 -10.38
CA ALA A 169 8.44 -2.35 -10.51
C ALA A 169 7.67 -3.66 -10.23
N PHE A 170 6.47 -3.51 -9.66
CA PHE A 170 5.57 -4.62 -9.32
C PHE A 170 5.39 -5.54 -10.54
N SER A 171 5.24 -4.93 -11.72
CA SER A 171 4.99 -5.70 -12.96
C SER A 171 6.13 -6.70 -13.30
N GLU A 172 7.34 -6.42 -12.83
CA GLU A 172 8.53 -7.22 -13.19
C GLU A 172 8.81 -8.33 -12.19
N VAL A 173 8.05 -8.37 -11.11
CA VAL A 173 8.41 -9.24 -9.99
C VAL A 173 8.29 -10.75 -10.31
N TYR A 174 7.19 -11.16 -10.93
CA TYR A 174 6.93 -12.57 -11.14
C TYR A 174 8.09 -13.19 -11.91
N LEU A 175 8.51 -12.55 -13.01
CA LEU A 175 9.64 -13.03 -13.83
CA LEU A 175 9.59 -13.17 -13.77
C LEU A 175 10.93 -13.11 -13.00
N ALA A 176 11.19 -12.06 -12.21
CA ALA A 176 12.39 -12.05 -11.40
C ALA A 176 12.42 -13.23 -10.45
N LEU A 177 11.27 -13.55 -9.85
CA LEU A 177 11.22 -14.65 -8.90
C LEU A 177 11.38 -15.95 -9.65
N GLN A 178 10.70 -16.07 -10.81
CA GLN A 178 10.68 -17.33 -11.55
C GLN A 178 12.07 -17.71 -12.05
N THR A 179 12.82 -16.72 -12.52
CA THR A 179 14.17 -16.95 -12.99
C THR A 179 15.21 -16.94 -11.86
N ASN A 180 14.77 -16.67 -10.61
CA ASN A 180 15.69 -16.55 -9.48
C ASN A 180 16.74 -15.47 -9.63
N ALA A 181 16.43 -14.45 -10.43
CA ALA A 181 17.23 -13.23 -10.49
C ALA A 181 17.23 -12.58 -9.11
N VAL A 182 16.10 -12.68 -8.40
CA VAL A 182 16.08 -12.38 -6.98
C VAL A 182 15.63 -13.62 -6.23
N ASP A 183 15.86 -13.63 -4.91
CA ASP A 183 15.52 -14.75 -4.05
C ASP A 183 14.17 -14.59 -3.38
N GLY A 184 13.55 -13.40 -3.41
CA GLY A 184 12.32 -13.28 -2.59
C GLY A 184 11.70 -11.93 -2.86
N GLN A 185 10.54 -11.68 -2.25
CA GLN A 185 9.91 -10.38 -2.35
C GLN A 185 9.06 -10.22 -1.11
N GLU A 186 8.42 -9.08 -0.96
CA GLU A 186 7.63 -8.88 0.23
C GLU A 186 6.39 -8.08 -0.18
N ASN A 187 5.23 -8.58 0.24
CA ASN A 187 3.94 -7.99 -0.12
C ASN A 187 2.95 -8.68 0.81
N PRO A 188 1.73 -8.15 0.90
CA PRO A 188 0.69 -8.85 1.68
C PRO A 188 0.29 -10.17 1.02
N LEU A 189 -0.27 -11.07 1.82
CA LEU A 189 -0.69 -12.35 1.31
C LEU A 189 -1.64 -12.25 0.12
N ALA A 190 -2.52 -11.24 0.12
CA ALA A 190 -3.48 -11.20 -0.97
C ALA A 190 -2.80 -10.91 -2.30
N ALA A 191 -1.69 -10.13 -2.27
CA ALA A 191 -0.91 -9.87 -3.48
C ALA A 191 -0.11 -11.13 -3.92
N VAL A 192 0.38 -11.90 -2.94
CA VAL A 192 1.09 -13.13 -3.26
C VAL A 192 0.10 -14.01 -3.99
N GLN A 193 -1.16 -14.00 -3.55
CA GLN A 193 -2.20 -14.78 -4.24
C GLN A 193 -2.54 -14.19 -5.62
N ALA A 194 -2.90 -12.92 -5.64
CA ALA A 194 -3.33 -12.26 -6.89
C ALA A 194 -2.30 -12.35 -8.03
N GLN A 195 -1.02 -12.15 -7.70
CA GLN A 195 0.05 -12.14 -8.69
C GLN A 195 0.59 -13.55 -8.91
N LYS A 196 0.04 -14.54 -8.17
CA LYS A 196 0.51 -15.94 -8.25
C LYS A 196 2.01 -16.08 -7.91
N PHE A 197 2.51 -15.27 -7.01
CA PHE A 197 3.89 -15.44 -6.60
C PHE A 197 4.11 -16.77 -5.92
N TYR A 198 3.05 -17.35 -5.39
CA TYR A 198 3.20 -18.66 -4.75
C TYR A 198 3.59 -19.79 -5.77
N GLU A 199 3.39 -19.53 -7.05
CA GLU A 199 3.81 -20.53 -8.08
C GLU A 199 5.33 -20.59 -8.21
N VAL A 200 5.98 -19.52 -7.78
CA VAL A 200 7.42 -19.37 -8.01
C VAL A 200 8.19 -19.04 -6.72
N GLN A 201 7.53 -19.28 -5.59
CA GLN A 201 8.19 -19.11 -4.30
C GLN A 201 7.80 -20.29 -3.43
N LYS A 202 8.79 -21.02 -2.94
CA LYS A 202 8.54 -22.19 -2.12
C LYS A 202 8.26 -21.89 -0.62
N PHE A 203 8.61 -20.68 -0.18
CA PHE A 203 8.55 -20.35 1.24
C PHE A 203 7.87 -19.02 1.49
N LEU A 204 7.18 -18.95 2.62
CA LEU A 204 6.53 -17.71 3.08
C LEU A 204 6.84 -17.51 4.57
N ALA A 205 7.43 -16.35 4.93
CA ALA A 205 7.81 -16.08 6.32
C ALA A 205 6.94 -14.94 6.81
N MET A 206 6.40 -15.09 8.03
CA MET A 206 5.45 -14.13 8.58
C MET A 206 6.22 -13.03 9.31
N THR A 207 6.79 -12.13 8.51
CA THR A 207 7.60 -11.04 9.01
C THR A 207 6.75 -9.86 9.47
N ASN A 208 5.51 -9.72 8.98
CA ASN A 208 4.57 -8.73 9.52
C ASN A 208 5.15 -7.32 9.57
N HIS A 209 5.94 -6.97 8.56
CA HIS A 209 6.86 -5.86 8.73
C HIS A 209 6.29 -4.46 8.40
N ILE A 210 5.37 -4.38 7.45
CA ILE A 210 4.80 -3.09 7.06
C ILE A 210 3.32 -3.26 6.81
N LEU A 211 2.51 -2.33 7.32
CA LEU A 211 1.08 -2.42 7.17
C LEU A 211 0.65 -1.46 6.04
N ASN A 212 -0.04 -1.98 5.02
CA ASN A 212 -0.45 -1.09 3.93
C ASN A 212 -1.92 -0.69 4.07
N ASP A 213 -2.19 0.60 3.93
CA ASP A 213 -3.53 1.05 3.65
C ASP A 213 -3.66 1.29 2.15
N GLN A 214 -4.80 1.83 1.73
CA GLN A 214 -5.00 2.15 0.31
C GLN A 214 -5.98 3.31 0.25
N LEU A 215 -5.59 4.37 -0.44
CA LEU A 215 -6.47 5.54 -0.55
C LEU A 215 -7.13 5.59 -1.89
N TYR A 216 -8.44 5.89 -1.89
CA TYR A 216 -9.15 6.13 -3.16
C TYR A 216 -8.95 7.61 -3.44
N LEU A 217 -8.24 7.92 -4.53
CA LEU A 217 -7.82 9.31 -4.85
C LEU A 217 -8.48 9.77 -6.11
N VAL A 218 -8.88 11.03 -6.15
CA VAL A 218 -9.44 11.60 -7.41
C VAL A 218 -8.68 12.86 -7.79
N SER A 219 -8.43 13.04 -9.08
CA SER A 219 -7.80 14.29 -9.54
C SER A 219 -8.72 15.48 -9.27
N ASN A 220 -8.18 16.54 -8.64
CA ASN A 220 -8.96 17.78 -8.44
C ASN A 220 -9.46 18.32 -9.76
N GLU A 221 -8.69 18.18 -10.85
CA GLU A 221 -9.17 18.69 -12.13
C GLU A 221 -10.48 18.03 -12.54
N THR A 222 -10.64 16.76 -12.19
CA THR A 222 -11.87 16.07 -12.48
C THR A 222 -12.92 16.32 -11.42
N TYR A 223 -12.54 16.25 -10.16
CA TYR A 223 -13.55 16.35 -9.10
C TYR A 223 -14.25 17.71 -9.11
N LYS A 224 -13.47 18.76 -9.34
CA LYS A 224 -14.01 20.15 -9.37
C LYS A 224 -14.97 20.39 -10.52
N GLU A 225 -14.84 19.61 -11.59
CA GLU A 225 -15.74 19.74 -12.74
C GLU A 225 -17.09 19.00 -12.56
N LEU A 226 -17.17 18.08 -11.60
CA LEU A 226 -18.41 17.39 -11.36
C LEU A 226 -19.34 18.28 -10.54
N PRO A 227 -20.60 18.42 -10.97
CA PRO A 227 -21.57 19.15 -10.15
C PRO A 227 -21.64 18.46 -8.79
N GLU A 228 -22.00 19.20 -7.77
CA GLU A 228 -21.87 18.68 -6.41
C GLU A 228 -22.69 17.42 -6.15
N ASP A 229 -23.81 17.21 -6.87
CA ASP A 229 -24.57 15.98 -6.64
C ASP A 229 -23.78 14.75 -7.16
N LEU A 230 -23.02 14.94 -8.24
CA LEU A 230 -22.13 13.91 -8.74
C LEU A 230 -20.89 13.77 -7.88
N GLN A 231 -20.40 14.87 -7.31
CA GLN A 231 -19.34 14.73 -6.34
C GLN A 231 -19.77 13.84 -5.19
N LYS A 232 -21.00 14.07 -4.71
CA LYS A 232 -21.51 13.25 -3.62
C LYS A 232 -21.65 11.77 -4.03
N VAL A 233 -22.08 11.52 -5.26
CA VAL A 233 -22.19 10.13 -5.73
C VAL A 233 -20.80 9.49 -5.68
N VAL A 234 -19.79 10.23 -6.13
CA VAL A 234 -18.41 9.67 -6.15
C VAL A 234 -17.87 9.44 -4.74
N LYS A 235 -18.03 10.43 -3.87
CA LYS A 235 -17.56 10.33 -2.49
C LYS A 235 -18.25 9.15 -1.79
N ASP A 236 -19.59 9.08 -1.88
CA ASP A 236 -20.32 8.02 -1.17
C ASP A 236 -19.90 6.67 -1.73
N ALA A 237 -19.75 6.57 -3.04
CA ALA A 237 -19.32 5.26 -3.63
C ALA A 237 -17.91 4.87 -3.18
N ALA A 238 -16.99 5.84 -3.09
CA ALA A 238 -15.65 5.52 -2.61
C ALA A 238 -15.66 5.04 -1.17
N GLU A 239 -16.51 5.64 -0.34
CA GLU A 239 -16.58 5.20 1.07
C GLU A 239 -17.17 3.80 1.14
N ASN A 240 -18.20 3.54 0.33
CA ASN A 240 -18.80 2.18 0.33
C ASN A 240 -17.80 1.13 -0.15
N ALA A 241 -17.08 1.46 -1.24
CA ALA A 241 -16.09 0.53 -1.78
C ALA A 241 -14.94 0.29 -0.79
N ALA A 242 -14.51 1.34 -0.08
CA ALA A 242 -13.39 1.15 0.87
C ALA A 242 -13.77 0.15 1.99
N LYS A 243 -15.01 0.19 2.48
CA LYS A 243 -15.41 -0.76 3.51
C LYS A 243 -15.38 -2.19 2.96
N TYR A 244 -15.82 -2.34 1.73
CA TYR A 244 -15.77 -3.64 1.05
C TYR A 244 -14.33 -4.12 0.77
N HIS A 245 -13.51 -3.19 0.30
CA HIS A 245 -12.07 -3.38 0.09
C HIS A 245 -11.43 -3.94 1.37
N THR A 246 -11.66 -3.27 2.48
CA THR A 246 -11.11 -3.68 3.78
C THR A 246 -11.57 -5.07 4.13
N LYS A 247 -12.86 -5.33 3.93
CA LYS A 247 -13.41 -6.64 4.28
C LYS A 247 -12.76 -7.78 3.44
N LEU A 248 -12.52 -7.56 2.15
CA LEU A 248 -11.85 -8.59 1.36
C LEU A 248 -10.50 -8.93 1.98
N PHE A 249 -9.79 -7.90 2.42
CA PHE A 249 -8.45 -8.13 2.98
C PHE A 249 -8.55 -8.81 4.34
N VAL A 250 -9.44 -8.31 5.19
CA VAL A 250 -9.55 -8.88 6.53
C VAL A 250 -10.02 -10.32 6.47
N ASP A 251 -11.04 -10.57 5.66
CA ASP A 251 -11.61 -11.95 5.61
C ASP A 251 -10.59 -12.93 5.11
N GLY A 252 -9.77 -12.52 4.17
CA GLY A 252 -8.82 -13.44 3.56
C GLY A 252 -7.53 -13.70 4.31
N GLU A 253 -7.16 -12.78 5.21
CA GLU A 253 -5.80 -12.74 5.64
C GLU A 253 -5.31 -13.98 6.35
N LYS A 254 -6.10 -14.45 7.30
CA LYS A 254 -5.80 -15.67 8.02
C LYS A 254 -5.92 -16.89 7.11
N ASP A 255 -7.09 -17.04 6.45
CA ASP A 255 -7.32 -18.16 5.51
C ASP A 255 -6.26 -18.34 4.40
N LEU A 256 -5.67 -17.24 3.96
CA LEU A 256 -4.69 -17.37 2.88
C LEU A 256 -3.52 -18.26 3.28
N VAL A 257 -3.17 -18.33 4.56
CA VAL A 257 -2.02 -19.17 4.92
C VAL A 257 -2.35 -20.63 4.52
N THR A 258 -3.58 -21.05 4.81
CA THR A 258 -4.03 -22.39 4.42
C THR A 258 -4.00 -22.62 2.92
N PHE A 259 -4.49 -21.62 2.19
CA PHE A 259 -4.48 -21.66 0.75
C PHE A 259 -3.07 -21.92 0.26
N PHE A 260 -2.09 -21.21 0.83
CA PHE A 260 -0.73 -21.37 0.27
C PHE A 260 -0.15 -22.73 0.64
N GLU A 261 -0.42 -23.16 1.86
CA GLU A 261 0.05 -24.50 2.29
C GLU A 261 -0.46 -25.55 1.32
N LYS A 262 -1.71 -25.40 0.88
CA LYS A 262 -2.29 -26.36 -0.06
C LYS A 262 -1.64 -26.28 -1.43
N GLN A 263 -1.08 -25.13 -1.77
CA GLN A 263 -0.35 -24.99 -3.01
C GLN A 263 1.11 -25.44 -2.90
N GLY A 264 1.48 -25.98 -1.74
CA GLY A 264 2.84 -26.48 -1.53
C GLY A 264 3.86 -25.53 -0.89
N VAL A 265 3.42 -24.33 -0.51
CA VAL A 265 4.31 -23.39 0.15
C VAL A 265 4.57 -23.77 1.60
N LYS A 266 5.82 -23.66 2.03
CA LYS A 266 6.18 -23.87 3.44
C LYS A 266 6.14 -22.55 4.19
N ILE A 267 5.42 -22.54 5.32
CA ILE A 267 5.22 -21.29 6.08
C ILE A 267 6.15 -21.29 7.28
N THR A 268 6.89 -20.21 7.47
CA THR A 268 7.68 -20.07 8.71
C THR A 268 7.23 -18.90 9.57
N HIS A 269 7.55 -19.01 10.86
CA HIS A 269 7.26 -17.98 11.82
C HIS A 269 8.54 -17.59 12.53
N PRO A 270 9.43 -16.86 11.83
CA PRO A 270 10.65 -16.40 12.52
C PRO A 270 10.38 -15.52 13.74
N ASP A 271 11.23 -15.64 14.76
CA ASP A 271 11.11 -14.78 15.96
C ASP A 271 11.26 -13.32 15.51
N LEU A 272 10.23 -12.50 15.73
CA LEU A 272 10.30 -11.13 15.27
C LEU A 272 11.06 -10.17 16.15
N VAL A 273 11.40 -10.58 17.38
CA VAL A 273 12.15 -9.68 18.25
C VAL A 273 13.40 -9.11 17.56
N PRO A 274 14.24 -9.96 16.93
CA PRO A 274 15.44 -9.39 16.29
C PRO A 274 15.10 -8.53 15.06
N PHE A 275 14.00 -8.86 14.36
CA PHE A 275 13.57 -7.96 13.25
C PHE A 275 13.25 -6.55 13.75
N LYS A 276 12.45 -6.46 14.81
CA LYS A 276 12.12 -5.19 15.39
C LYS A 276 13.35 -4.52 15.96
N GLU A 277 14.22 -5.30 16.62
CA GLU A 277 15.47 -4.74 17.14
C GLU A 277 16.29 -4.08 16.02
N SER A 278 16.35 -4.76 14.86
CA SER A 278 17.18 -4.30 13.75
C SER A 278 16.72 -2.94 13.20
N MET A 279 15.47 -2.54 13.47
CA MET A 279 14.93 -1.28 12.96
C MET A 279 15.28 -0.08 13.85
N LYS A 280 15.78 -0.36 15.07
CA LYS A 280 16.07 0.75 15.98
C LYS A 280 16.95 1.85 15.34
N PRO A 281 18.07 1.47 14.73
CA PRO A 281 18.90 2.50 14.12
C PRO A 281 18.26 3.13 12.88
N TYR A 282 17.31 2.44 12.25
CA TYR A 282 16.61 3.06 11.13
C TYR A 282 15.67 4.18 11.66
N TYR A 283 14.96 3.91 12.76
CA TYR A 283 14.10 4.95 13.32
C TYR A 283 14.96 6.15 13.70
N ALA A 284 16.16 5.86 14.21
CA ALA A 284 17.05 6.98 14.56
C ALA A 284 17.41 7.80 13.33
N GLU A 285 17.69 7.11 12.22
CA GLU A 285 18.07 7.81 10.99
C GLU A 285 16.88 8.59 10.45
N PHE A 286 15.68 8.03 10.58
CA PHE A 286 14.47 8.73 10.18
C PHE A 286 14.35 10.06 10.94
N VAL A 287 14.51 10.01 12.26
CA VAL A 287 14.43 11.22 13.06
C VAL A 287 15.53 12.23 12.69
N LYS A 288 16.70 11.71 12.36
CA LYS A 288 17.81 12.61 12.00
C LYS A 288 17.50 13.31 10.69
N GLN A 289 16.98 12.56 9.72
CA GLN A 289 16.71 13.13 8.41
C GLN A 289 15.48 14.01 8.34
N THR A 290 14.42 13.64 9.05
CA THR A 290 13.15 14.38 8.97
C THR A 290 12.92 15.41 10.07
N GLY A 291 13.79 15.41 11.05
CA GLY A 291 13.80 16.51 12.02
C GLY A 291 12.58 16.46 12.94
N GLN A 292 12.23 17.62 13.46
CA GLN A 292 11.13 17.69 14.41
CA GLN A 292 11.13 17.74 14.40
C GLN A 292 9.79 17.27 13.82
N LYS A 293 9.58 17.51 12.52
CA LYS A 293 8.35 17.06 11.86
C LYS A 293 8.20 15.55 11.97
N GLY A 294 9.30 14.82 11.77
CA GLY A 294 9.28 13.37 11.80
C GLY A 294 9.09 12.90 13.24
N GLU A 295 9.82 13.53 14.17
CA GLU A 295 9.68 13.18 15.58
C GLU A 295 8.26 13.38 16.02
N SER A 296 7.65 14.48 15.59
CA SER A 296 6.29 14.78 16.01
C SER A 296 5.30 13.77 15.42
N ALA A 297 5.46 13.40 14.15
CA ALA A 297 4.55 12.43 13.55
C ALA A 297 4.65 11.10 14.27
N LEU A 298 5.87 10.68 14.60
CA LEU A 298 6.08 9.41 15.30
C LEU A 298 5.42 9.42 16.64
N LYS A 299 5.57 10.53 17.36
CA LYS A 299 4.93 10.62 18.66
C LYS A 299 3.41 10.61 18.57
N GLN A 300 2.86 11.27 17.59
CA GLN A 300 1.42 11.26 17.48
C GLN A 300 0.93 9.84 17.19
N ILE A 301 1.70 9.12 16.38
CA ILE A 301 1.30 7.76 15.99
C ILE A 301 1.51 6.78 17.15
N GLU A 302 2.61 6.94 17.87
CA GLU A 302 2.85 6.03 18.99
C GLU A 302 1.85 6.25 20.10
N ALA A 303 1.18 7.40 20.11
CA ALA A 303 0.19 7.69 21.17
C ALA A 303 -1.16 6.99 20.92
N ILE A 304 -1.34 6.44 19.72
CA ILE A 304 -2.61 5.80 19.38
C ILE A 304 -2.73 4.40 19.96
N ASN A 305 -3.79 4.16 20.74
CA ASN A 305 -3.98 2.80 21.27
C ASN A 305 -4.46 1.87 20.15
N PRO A 306 -3.85 0.70 20.01
CA PRO A 306 -4.20 -0.11 18.84
C PRO A 306 -5.47 -0.94 19.02
N HIS A 307 -5.95 -1.04 20.26
CA HIS A 307 -7.18 -1.81 20.51
C HIS A 307 -8.45 -1.00 20.23
N HIS A 308 -9.38 -1.56 19.42
CA HIS A 308 -10.64 -0.87 19.11
C HIS A 308 -11.43 -0.59 20.38
N HIS A 309 -11.99 0.60 20.47
CA HIS A 309 -12.73 1.01 21.66
C HIS A 309 -13.95 1.73 21.12
C2 KDN B . 3.42 -2.99 -4.32
C1 KDN B . 4.71 -3.63 -4.89
C3 KDN B . 2.28 -3.07 -5.35
C4 KDN B . 1.08 -2.25 -4.82
C5 KDN B . 1.57 -0.82 -4.55
C6 KDN B . 2.76 -0.84 -3.57
C7 KDN B . 3.38 0.52 -3.30
C8 KDN B . 4.58 0.33 -2.32
C9 KDN B . 5.23 1.70 -2.01
O5 KDN B . 0.48 0.00 -4.00
O1A KDN B . 5.25 -3.06 -5.90
O1B KDN B . 5.15 -4.64 -4.27
O4 KDN B . 0.01 -2.23 -5.78
O6 KDN B . 3.79 -1.69 -4.08
O7 KDN B . 3.88 1.14 -4.51
O8 KDN B . 4.14 -0.33 -1.12
O9 KDN B . 4.27 2.63 -1.44
O2 KDN B . 3.03 -3.63 -3.12
#